data_6R9M
#
_entry.id   6R9M
#
_cell.length_a   91.414
_cell.length_b   118.105
_cell.length_c   257.281
_cell.angle_alpha   90.000
_cell.angle_beta   90.000
_cell.angle_gamma   90.000
#
_symmetry.space_group_name_H-M   'I 2 2 2'
#
loop_
_entity.id
_entity.type
_entity.pdbx_description
1 polymer 'PAN2-PAN3 deadenylation complex catalytic subunit PAN2'
2 polymer 'AAGGAA RNA'
#
loop_
_entity_poly.entity_id
_entity_poly.type
_entity_poly.pdbx_seq_one_letter_code
_entity_poly.pdbx_strand_id
1 'polypeptide(L)'
;MHHHHHHHHLEVLFQGPTSDIQTYTSINKYEVPPAYSRLPLTSGRFGTDNFDFTPFNNTEYSGLDPDVDNHYTNAIIQLY
RFIPEMFNFVVGCLKDENFETTLLTDLGYLFDMMERSHGKICSSSNFQASLKSLTDKRQLENGEPQEHLEEYLESLCIRE
SIEDFNSSESIKRNMPQKFNRFLLSQLIKEEAQTVNHNITLNQCFGLETEIRTECSCDHYDTTVKLLPSLSISGINKTVI
KQLNKKSNGQNILPYIEYAMKNVTQKNSICPTCGKTETITQECTVKNLPSVLSLELSLLDTEFSNIRSSKNWLTSEFYGS
IIKNKAVLRSTASELKGTSHIFKYELNGYVAKITDNNNETRLVTYVKKYNPKENCFKWLMFNDYLVVEITEEEALKMTYP
WKTPEIIIYCDAEELRKPFFSVDTYSINYDILFRDYFANGIRDTARREYKLLTHDEAPKSGTLVAIDAAFVSLQSELCEI
DHQGIRSIIRPKRTALARISIIRGEEGELYGVPFVDDYVVNTNHIEDYLTRYSGILPGDLDPEKSTKRLVRRNVVYRKVW
LLMQLGCVFVGHGLNNDFKHININVPRNQIRDTAIYFLQGKRYLSLRYLAYVLLGMNIQEGNHDSIEDAHTALILYKKYL
HLKEKAIFEKVLNSVYEEGRAHNFKVPETSKG
;
A
2 'polyribonucleotide' AAGGAA B
#
loop_
_chem_comp.id
_chem_comp.type
_chem_comp.name
_chem_comp.formula
A RNA linking ADENOSINE-5'-MONOPHOSPHATE 'C10 H14 N5 O7 P'
G RNA linking GUANOSINE-5'-MONOPHOSPHATE 'C10 H14 N5 O8 P'
#
# COMPACT_ATOMS: atom_id res chain seq x y z
N THR A 18 -15.74 -22.02 0.48
CA THR A 18 -16.26 -20.71 0.11
C THR A 18 -17.79 -20.71 0.17
N SER A 19 -18.34 -21.06 1.33
CA SER A 19 -19.78 -21.13 1.51
C SER A 19 -20.32 -19.71 1.65
N ASP A 20 -20.69 -19.13 0.50
CA ASP A 20 -21.25 -17.78 0.45
C ASP A 20 -20.32 -16.75 1.08
N ILE A 21 -19.02 -16.87 0.81
CA ILE A 21 -18.04 -16.01 1.46
C ILE A 21 -18.20 -14.54 1.06
N GLN A 22 -18.75 -14.27 -0.13
CA GLN A 22 -18.98 -12.91 -0.59
C GLN A 22 -20.35 -12.38 -0.22
N THR A 23 -21.09 -13.09 0.63
CA THR A 23 -22.39 -12.61 1.09
C THR A 23 -22.18 -11.57 2.18
N TYR A 24 -22.62 -10.33 1.92
CA TYR A 24 -22.40 -9.21 2.82
C TYR A 24 -23.67 -8.81 3.58
N THR A 25 -24.69 -9.66 3.60
CA THR A 25 -25.95 -9.32 4.24
C THR A 25 -26.54 -10.56 4.89
N SER A 26 -27.12 -10.38 6.08
CA SER A 26 -27.76 -11.46 6.83
C SER A 26 -29.22 -11.12 7.06
N ILE A 27 -29.99 -12.13 7.47
CA ILE A 27 -31.42 -11.93 7.72
C ILE A 27 -31.71 -11.22 9.04
N ASN A 28 -30.70 -11.04 9.89
CA ASN A 28 -30.86 -10.37 11.17
C ASN A 28 -29.77 -9.30 11.32
N LYS A 29 -29.81 -8.60 12.45
CA LYS A 29 -28.86 -7.54 12.73
C LYS A 29 -27.69 -7.99 13.59
N TYR A 30 -27.75 -9.19 14.17
CA TYR A 30 -26.71 -9.67 15.07
C TYR A 30 -25.71 -10.59 14.41
N GLU A 31 -26.14 -11.40 13.43
CA GLU A 31 -25.25 -12.32 12.74
C GLU A 31 -24.43 -11.54 11.73
N VAL A 32 -23.13 -11.46 11.97
CA VAL A 32 -22.24 -10.75 11.05
C VAL A 32 -22.13 -11.55 9.75
N PRO A 33 -22.25 -10.93 8.59
CA PRO A 33 -22.12 -11.66 7.32
C PRO A 33 -20.73 -12.23 7.15
N PRO A 34 -20.58 -13.31 6.37
CA PRO A 34 -19.25 -13.89 6.17
C PRO A 34 -18.31 -13.01 5.38
N ALA A 35 -18.81 -11.99 4.68
CA ALA A 35 -17.93 -11.06 3.98
C ALA A 35 -17.08 -10.26 4.95
N TYR A 36 -17.55 -10.08 6.18
CA TYR A 36 -16.80 -9.39 7.23
C TYR A 36 -16.08 -10.34 8.16
N SER A 37 -16.11 -11.65 7.88
CA SER A 37 -15.50 -12.63 8.75
C SER A 37 -13.98 -12.59 8.63
N ARG A 38 -13.31 -13.33 9.50
CA ARG A 38 -11.86 -13.41 9.47
C ARG A 38 -11.41 -14.30 8.33
N LEU A 39 -10.53 -13.77 7.49
CA LEU A 39 -10.06 -14.45 6.29
C LEU A 39 -8.83 -15.30 6.60
N PRO A 40 -8.75 -16.50 6.04
CA PRO A 40 -7.57 -17.35 6.27
C PRO A 40 -6.34 -16.74 5.63
N LEU A 41 -5.22 -16.82 6.33
CA LEU A 41 -3.97 -16.24 5.87
C LEU A 41 -3.45 -17.01 4.66
N THR A 42 -2.84 -16.29 3.73
CA THR A 42 -2.37 -16.87 2.47
C THR A 42 -1.00 -17.52 2.59
N SER A 43 -0.48 -17.71 3.80
CA SER A 43 0.84 -18.31 4.03
C SER A 43 1.93 -17.59 3.24
N ASP A 49 1.51 -17.75 -2.76
CA ASP A 49 2.12 -19.07 -2.73
C ASP A 49 1.04 -20.15 -2.82
N ASN A 50 0.58 -20.41 -4.05
CA ASN A 50 -0.44 -21.42 -4.33
C ASN A 50 -1.72 -21.14 -3.53
N PHE A 51 -2.35 -20.02 -3.85
CA PHE A 51 -3.59 -19.58 -3.22
C PHE A 51 -4.51 -19.00 -4.29
N ASP A 52 -5.72 -19.55 -4.38
CA ASP A 52 -6.71 -19.09 -5.35
C ASP A 52 -7.48 -17.91 -4.77
N PHE A 53 -7.56 -16.83 -5.54
CA PHE A 53 -8.25 -15.63 -5.12
C PHE A 53 -9.52 -15.36 -5.91
N THR A 54 -9.90 -16.23 -6.83
CA THR A 54 -11.10 -16.02 -7.62
C THR A 54 -12.41 -16.10 -6.81
N PRO A 55 -12.50 -16.81 -5.68
CA PRO A 55 -13.73 -16.73 -4.88
C PRO A 55 -13.77 -15.58 -3.88
N PHE A 56 -12.85 -14.61 -3.98
CA PHE A 56 -12.79 -13.50 -3.04
C PHE A 56 -12.89 -12.13 -3.68
N ASN A 57 -12.68 -12.01 -4.99
CA ASN A 57 -12.71 -10.71 -5.66
C ASN A 57 -13.12 -10.92 -7.10
N ASN A 58 -14.30 -10.44 -7.47
CA ASN A 58 -14.78 -10.53 -8.85
C ASN A 58 -14.67 -9.22 -9.61
N THR A 59 -14.19 -8.17 -8.96
CA THR A 59 -14.01 -6.87 -9.59
C THR A 59 -12.54 -6.63 -9.93
N GLU A 60 -12.30 -5.56 -10.67
CA GLU A 60 -10.95 -5.16 -11.05
C GLU A 60 -10.28 -4.29 -9.99
N TYR A 61 -10.73 -4.38 -8.74
CA TYR A 61 -10.18 -3.61 -7.64
C TYR A 61 -9.44 -4.56 -6.70
N SER A 62 -8.15 -4.29 -6.51
CA SER A 62 -7.25 -5.20 -5.81
C SER A 62 -7.44 -5.12 -4.30
N GLY A 63 -7.05 -6.21 -3.62
CA GLY A 63 -7.01 -6.28 -2.19
C GLY A 63 -5.58 -6.36 -1.68
N LEU A 64 -5.46 -6.46 -0.35
CA LEU A 64 -4.18 -6.37 0.33
C LEU A 64 -3.90 -7.64 1.13
N ASP A 65 -2.68 -8.13 1.00
CA ASP A 65 -2.25 -9.30 1.75
C ASP A 65 -2.22 -8.96 3.24
N PRO A 66 -3.03 -9.63 4.07
CA PRO A 66 -2.99 -9.34 5.52
C PRO A 66 -1.73 -9.81 6.22
N ASP A 67 -0.82 -10.50 5.53
CA ASP A 67 0.41 -10.99 6.15
C ASP A 67 1.41 -9.84 6.30
N VAL A 68 1.12 -8.97 7.27
CA VAL A 68 1.94 -7.82 7.60
C VAL A 68 2.00 -7.68 9.12
N ASP A 69 2.83 -6.75 9.58
CA ASP A 69 2.99 -6.55 11.02
C ASP A 69 1.72 -5.97 11.64
N ASN A 70 0.97 -5.16 10.89
CA ASN A 70 -0.27 -4.56 11.40
C ASN A 70 -1.20 -4.36 10.22
N HIS A 71 -2.15 -5.27 10.04
CA HIS A 71 -3.07 -5.23 8.91
C HIS A 71 -4.22 -4.25 9.12
N TYR A 72 -4.23 -3.49 10.21
CA TYR A 72 -5.28 -2.51 10.39
C TYR A 72 -5.07 -1.31 9.47
N THR A 73 -3.80 -1.01 9.13
CA THR A 73 -3.54 0.09 8.21
C THR A 73 -4.04 -0.22 6.81
N ASN A 74 -4.06 -1.50 6.44
CA ASN A 74 -4.54 -1.89 5.10
C ASN A 74 -5.90 -1.31 4.80
N ALA A 75 -6.77 -1.22 5.82
CA ALA A 75 -8.08 -0.61 5.63
C ALA A 75 -8.00 0.88 5.34
N ILE A 76 -6.92 1.54 5.76
CA ILE A 76 -6.80 2.98 5.61
C ILE A 76 -6.16 3.36 4.28
N ILE A 77 -5.15 2.59 3.85
CA ILE A 77 -4.57 2.79 2.53
C ILE A 77 -5.62 2.62 1.45
N GLN A 78 -6.51 1.63 1.59
CA GLN A 78 -7.58 1.44 0.63
C GLN A 78 -8.57 2.60 0.66
N LEU A 79 -8.70 3.26 1.81
CA LEU A 79 -9.58 4.42 1.90
C LEU A 79 -9.04 5.60 1.10
N TYR A 80 -7.73 5.83 1.14
CA TYR A 80 -7.14 6.95 0.44
C TYR A 80 -6.90 6.68 -1.04
N ARG A 81 -6.83 5.40 -1.43
CA ARG A 81 -6.62 5.06 -2.84
C ARG A 81 -7.74 5.58 -3.73
N PHE A 82 -8.95 5.78 -3.18
CA PHE A 82 -10.11 6.15 -3.97
C PHE A 82 -10.50 7.62 -3.82
N ILE A 83 -9.60 8.45 -3.34
CA ILE A 83 -9.76 9.90 -3.39
C ILE A 83 -8.99 10.40 -4.61
N PRO A 84 -9.65 10.96 -5.63
CA PRO A 84 -8.90 11.38 -6.82
C PRO A 84 -7.76 12.35 -6.51
N GLU A 85 -7.96 13.31 -5.61
CA GLU A 85 -6.89 14.25 -5.28
C GLU A 85 -5.76 13.56 -4.52
N MET A 86 -6.11 12.71 -3.56
CA MET A 86 -5.09 11.97 -2.81
C MET A 86 -4.37 10.97 -3.71
N PHE A 87 -5.10 10.32 -4.62
CA PHE A 87 -4.48 9.32 -5.49
C PHE A 87 -3.57 9.97 -6.52
N ASN A 88 -4.11 10.90 -7.32
CA ASN A 88 -3.37 11.43 -8.46
C ASN A 88 -2.10 12.16 -8.03
N PHE A 89 -2.05 12.67 -6.81
CA PHE A 89 -0.84 13.38 -6.37
C PHE A 89 0.26 12.39 -5.99
N VAL A 90 -0.06 11.43 -5.13
CA VAL A 90 0.95 10.49 -4.65
C VAL A 90 1.51 9.66 -5.79
N VAL A 91 0.65 9.25 -6.73
CA VAL A 91 1.13 8.56 -7.92
C VAL A 91 1.85 9.55 -8.83
N GLY A 92 1.42 10.82 -8.84
CA GLY A 92 2.08 11.81 -9.66
C GLY A 92 3.51 12.09 -9.24
N CYS A 93 3.84 11.90 -7.96
CA CYS A 93 5.19 12.12 -7.47
C CYS A 93 6.17 11.05 -7.94
N LEU A 94 5.73 10.12 -8.79
CA LEU A 94 6.60 9.05 -9.26
C LEU A 94 7.40 9.44 -10.50
N LYS A 95 7.00 10.51 -11.20
CA LYS A 95 7.80 10.99 -12.33
C LYS A 95 9.19 11.40 -11.85
N ASP A 96 9.24 12.31 -10.89
CA ASP A 96 10.49 12.71 -10.28
C ASP A 96 10.96 11.65 -9.29
N GLU A 97 12.25 11.63 -9.04
CA GLU A 97 12.86 10.67 -8.14
C GLU A 97 13.07 11.33 -6.77
N ASN A 98 12.22 10.96 -5.81
CA ASN A 98 12.28 11.50 -4.46
C ASN A 98 12.56 10.35 -3.49
N PHE A 99 13.85 10.03 -3.33
CA PHE A 99 14.24 8.93 -2.44
C PHE A 99 14.30 9.34 -0.98
N GLU A 100 14.28 10.64 -0.67
CA GLU A 100 14.39 11.07 0.71
C GLU A 100 13.08 10.92 1.45
N THR A 101 11.96 11.18 0.77
CA THR A 101 10.62 11.01 1.35
C THR A 101 10.23 9.54 1.22
N THR A 102 10.55 8.75 2.24
CA THR A 102 10.37 7.31 2.16
C THR A 102 8.89 6.92 2.19
N LEU A 103 8.08 7.63 2.99
CA LEU A 103 6.70 7.23 3.18
C LEU A 103 5.80 7.66 2.02
N LEU A 104 6.09 8.80 1.39
CA LEU A 104 5.23 9.29 0.31
C LEU A 104 5.45 8.49 -0.97
N THR A 105 6.70 8.14 -1.27
CA THR A 105 6.98 7.43 -2.51
C THR A 105 6.60 5.95 -2.41
N ASP A 106 6.83 5.33 -1.25
CA ASP A 106 6.40 3.95 -1.07
C ASP A 106 4.88 3.82 -1.12
N LEU A 107 4.16 4.85 -0.66
CA LEU A 107 2.71 4.88 -0.84
C LEU A 107 2.35 5.06 -2.32
N GLY A 108 3.18 5.79 -3.07
CA GLY A 108 2.94 5.93 -4.50
C GLY A 108 3.20 4.65 -5.27
N TYR A 109 4.28 3.94 -4.89
CA TYR A 109 4.49 2.61 -5.45
C TYR A 109 3.32 1.69 -5.15
N LEU A 110 2.80 1.75 -3.92
CA LEU A 110 1.68 0.91 -3.54
C LEU A 110 0.40 1.31 -4.27
N PHE A 111 0.13 2.61 -4.36
CA PHE A 111 -1.06 3.07 -5.08
C PHE A 111 -1.00 2.70 -6.56
N ASP A 112 0.17 2.90 -7.18
CA ASP A 112 0.34 2.53 -8.57
C ASP A 112 0.25 1.02 -8.77
N MET A 113 0.67 0.26 -7.76
CA MET A 113 0.62 -1.19 -7.85
C MET A 113 -0.82 -1.70 -7.84
N MET A 114 -1.71 -1.04 -7.09
CA MET A 114 -3.09 -1.49 -6.98
C MET A 114 -3.85 -1.30 -8.29
N GLU A 115 -3.59 -0.19 -8.99
CA GLU A 115 -4.29 0.07 -10.24
C GLU A 115 -3.79 -0.84 -11.35
N ARG A 116 -2.48 -1.10 -11.40
CA ARG A 116 -1.93 -1.96 -12.42
C ARG A 116 -2.34 -3.42 -12.27
N SER A 117 -2.69 -3.85 -11.05
CA SER A 117 -3.03 -5.25 -10.84
C SER A 117 -4.42 -5.59 -11.34
N HIS A 118 -5.33 -4.62 -11.40
CA HIS A 118 -6.69 -4.83 -11.91
C HIS A 118 -7.39 -5.99 -11.21
N GLY A 119 -7.22 -6.07 -9.89
CA GLY A 119 -7.82 -7.10 -9.08
C GLY A 119 -6.83 -8.07 -8.48
N LYS A 120 -5.64 -8.22 -9.08
CA LYS A 120 -4.66 -9.14 -8.55
C LYS A 120 -4.25 -8.73 -7.14
N ILE A 121 -3.80 -9.71 -6.35
CA ILE A 121 -3.46 -9.43 -4.96
C ILE A 121 -2.27 -8.50 -4.89
N CYS A 122 -2.25 -7.67 -3.85
CA CYS A 122 -1.17 -6.72 -3.61
C CYS A 122 -0.75 -6.82 -2.15
N SER A 123 0.52 -6.51 -1.90
CA SER A 123 1.06 -6.51 -0.55
C SER A 123 1.71 -5.17 -0.28
N SER A 124 1.56 -4.69 0.95
CA SER A 124 2.12 -3.41 1.38
C SER A 124 3.30 -3.61 2.34
N SER A 125 4.09 -4.67 2.10
CA SER A 125 5.22 -4.94 2.98
C SER A 125 6.27 -3.84 2.90
N ASN A 126 6.50 -3.29 1.71
CA ASN A 126 7.47 -2.21 1.57
C ASN A 126 7.00 -0.97 2.31
N PHE A 127 5.71 -0.64 2.21
CA PHE A 127 5.16 0.50 2.94
C PHE A 127 5.32 0.32 4.45
N GLN A 128 4.90 -0.83 4.96
CA GLN A 128 5.00 -1.07 6.40
C GLN A 128 6.46 -1.16 6.85
N ALA A 129 7.36 -1.60 5.96
CA ALA A 129 8.77 -1.65 6.31
C ALA A 129 9.39 -0.26 6.34
N SER A 130 9.03 0.58 5.36
CA SER A 130 9.48 1.97 5.38
C SER A 130 8.87 2.73 6.55
N LEU A 131 7.63 2.40 6.92
CA LEU A 131 6.99 3.04 8.06
C LEU A 131 7.61 2.59 9.38
N LYS A 132 7.86 1.28 9.52
CA LYS A 132 8.46 0.78 10.75
C LYS A 132 9.86 1.33 10.96
N SER A 133 10.63 1.52 9.88
CA SER A 133 11.95 2.11 10.01
C SER A 133 11.86 3.60 10.26
N LEU A 134 10.82 4.26 9.73
CA LEU A 134 10.65 5.70 9.96
C LEU A 134 10.25 5.98 11.40
N THR A 135 9.30 5.21 11.93
CA THR A 135 8.84 5.39 13.30
C THR A 135 9.88 4.93 14.32
N ASP A 136 10.88 4.14 13.91
CA ASP A 136 11.95 3.71 14.79
C ASP A 136 13.15 4.64 14.74
N LYS A 137 12.95 5.91 14.38
CA LYS A 137 14.00 6.92 14.37
C LYS A 137 14.03 7.72 15.66
N ARG A 138 13.58 7.12 16.76
CA ARG A 138 13.53 7.80 18.05
C ARG A 138 14.75 7.45 18.91
N GLU A 144 6.70 18.48 22.03
CA GLU A 144 6.49 17.04 22.07
C GLU A 144 6.25 16.47 20.68
N PRO A 145 7.33 16.24 19.93
CA PRO A 145 7.22 15.69 18.57
C PRO A 145 7.25 14.18 18.49
N GLN A 146 7.37 13.47 19.60
CA GLN A 146 7.50 12.01 19.61
C GLN A 146 6.26 11.31 20.15
N GLU A 147 5.14 12.05 20.29
CA GLU A 147 3.95 11.45 20.88
C GLU A 147 3.33 10.39 19.98
N HIS A 148 3.54 10.50 18.67
CA HIS A 148 2.97 9.53 17.73
C HIS A 148 3.85 8.31 17.55
N LEU A 149 5.18 8.46 17.67
CA LEU A 149 6.08 7.34 17.40
C LEU A 149 5.90 6.22 18.42
N GLU A 150 5.96 6.54 19.71
CA GLU A 150 5.83 5.51 20.73
C GLU A 150 4.47 4.83 20.70
N GLU A 151 3.46 5.50 20.17
CA GLU A 151 2.12 4.91 20.08
C GLU A 151 1.97 4.03 18.84
N TYR A 152 2.37 4.54 17.68
CA TYR A 152 2.19 3.80 16.44
C TYR A 152 3.17 2.65 16.32
N LEU A 153 4.42 2.85 16.76
CA LEU A 153 5.41 1.79 16.68
C LEU A 153 5.06 0.62 17.60
N GLU A 154 4.36 0.90 18.70
CA GLU A 154 3.98 -0.18 19.61
C GLU A 154 2.90 -1.07 19.01
N SER A 155 2.03 -0.52 18.17
CA SER A 155 0.98 -1.32 17.54
C SER A 155 1.51 -2.22 16.44
N LEU A 156 2.66 -1.89 15.84
CA LEU A 156 3.22 -2.73 14.79
C LEU A 156 3.65 -4.08 15.34
N CYS A 157 4.34 -4.08 16.49
CA CYS A 157 4.75 -5.33 17.09
C CYS A 157 3.56 -6.13 17.60
N ILE A 158 2.60 -5.45 18.23
CA ILE A 158 1.39 -6.07 18.76
C ILE A 158 1.73 -7.21 19.71
N GLU A 169 -8.91 -9.48 20.35
CA GLU A 169 -8.55 -8.07 20.42
C GLU A 169 -7.30 -7.78 19.58
N SER A 170 -7.46 -7.83 18.26
CA SER A 170 -6.33 -7.59 17.37
C SER A 170 -5.92 -6.11 17.39
N ILE A 171 -6.89 -5.21 17.30
CA ILE A 171 -6.64 -3.77 17.34
C ILE A 171 -7.34 -3.18 18.56
N LYS A 172 -6.72 -2.15 19.13
CA LYS A 172 -7.23 -1.48 20.31
C LYS A 172 -8.13 -0.31 19.88
N ARG A 173 -8.53 0.51 20.84
CA ARG A 173 -9.38 1.66 20.56
C ARG A 173 -8.52 2.89 20.27
N ASN A 174 -9.08 3.79 19.45
CA ASN A 174 -8.47 5.06 19.05
C ASN A 174 -7.15 4.87 18.31
N MET A 175 -6.82 3.66 17.88
CA MET A 175 -5.59 3.41 17.13
C MET A 175 -5.72 3.75 15.65
N PRO A 176 -6.82 3.40 14.97
CA PRO A 176 -6.94 3.83 13.56
C PRO A 176 -6.93 5.34 13.39
N GLN A 177 -7.60 6.07 14.27
CA GLN A 177 -7.61 7.52 14.17
C GLN A 177 -6.23 8.09 14.49
N LYS A 178 -5.51 7.47 15.43
CA LYS A 178 -4.16 7.94 15.75
C LYS A 178 -3.22 7.73 14.57
N PHE A 179 -3.41 6.66 13.80
CA PHE A 179 -2.61 6.47 12.60
C PHE A 179 -3.05 7.40 11.46
N ASN A 180 -4.36 7.70 11.39
CA ASN A 180 -4.85 8.61 10.36
C ASN A 180 -4.27 10.00 10.54
N ARG A 181 -4.17 10.47 11.78
CA ARG A 181 -3.50 11.73 12.05
C ARG A 181 -2.02 11.64 11.66
N PHE A 182 -1.37 10.54 12.02
CA PHE A 182 0.06 10.40 11.80
C PHE A 182 0.39 10.28 10.31
N LEU A 183 -0.45 9.56 9.56
CA LEU A 183 -0.15 9.35 8.14
C LEU A 183 -0.20 10.67 7.39
N LEU A 184 -1.26 11.45 7.57
CA LEU A 184 -1.39 12.72 6.86
C LEU A 184 -0.37 13.74 7.33
N SER A 185 -0.05 13.74 8.63
CA SER A 185 0.96 14.67 9.13
C SER A 185 2.34 14.33 8.59
N GLN A 186 2.62 13.06 8.32
CA GLN A 186 3.93 12.68 7.77
C GLN A 186 3.98 12.88 6.26
N LEU A 187 2.85 12.72 5.57
CA LEU A 187 2.84 12.95 4.13
C LEU A 187 3.01 14.43 3.81
N ILE A 188 2.31 15.30 4.53
CA ILE A 188 2.44 16.73 4.29
C ILE A 188 3.83 17.21 4.69
N LYS A 189 4.38 16.68 5.80
CA LYS A 189 5.75 17.01 6.18
C LYS A 189 6.73 16.60 5.09
N GLU A 190 6.48 15.50 4.40
CA GLU A 190 7.29 15.07 3.27
C GLU A 190 6.84 15.68 1.96
N GLU A 191 5.60 16.17 1.87
CA GLU A 191 5.12 16.83 0.67
C GLU A 191 5.91 18.09 0.35
N ALA A 192 6.56 18.68 1.37
CA ALA A 192 7.39 19.85 1.13
C ALA A 192 8.79 19.46 0.66
N GLN A 193 9.41 18.49 1.33
CA GLN A 193 10.80 18.14 1.07
C GLN A 193 11.01 17.42 -0.25
N THR A 194 9.98 17.27 -1.09
CA THR A 194 10.17 16.70 -2.40
C THR A 194 10.73 17.75 -3.36
N VAL A 195 11.05 17.32 -4.58
CA VAL A 195 11.41 18.29 -5.61
C VAL A 195 10.20 19.18 -5.91
N ASN A 196 10.48 20.29 -6.60
CA ASN A 196 9.51 21.27 -7.09
C ASN A 196 8.34 21.43 -6.12
N HIS A 197 8.69 21.89 -4.91
CA HIS A 197 7.90 21.82 -3.68
C HIS A 197 6.39 21.96 -3.90
N ASN A 198 5.62 21.01 -3.37
CA ASN A 198 4.19 20.97 -3.57
C ASN A 198 3.45 21.32 -2.28
N ILE A 199 2.28 21.94 -2.43
CA ILE A 199 1.40 22.22 -1.30
C ILE A 199 0.01 21.67 -1.58
N THR A 200 -0.04 20.60 -2.39
CA THR A 200 -1.33 20.09 -2.87
C THR A 200 -2.15 19.47 -1.74
N LEU A 201 -1.50 18.74 -0.84
CA LEU A 201 -2.24 18.08 0.25
C LEU A 201 -2.83 19.09 1.22
N ASN A 202 -2.16 20.23 1.41
CA ASN A 202 -2.72 21.27 2.27
C ASN A 202 -3.90 21.97 1.62
N GLN A 203 -3.89 22.08 0.29
CA GLN A 203 -5.05 22.64 -0.41
C GLN A 203 -6.22 21.68 -0.45
N CYS A 204 -6.03 20.43 -0.03
CA CYS A 204 -7.09 19.42 0.05
C CYS A 204 -7.48 19.08 1.47
N PHE A 205 -6.50 18.81 2.33
CA PHE A 205 -6.76 18.41 3.71
C PHE A 205 -6.60 19.54 4.71
N GLY A 206 -5.93 20.64 4.33
CA GLY A 206 -5.64 21.71 5.25
C GLY A 206 -6.85 22.38 5.87
N LEU A 207 -6.92 22.38 7.19
CA LEU A 207 -7.95 23.07 7.95
C LEU A 207 -7.32 24.26 8.64
N GLU A 208 -7.78 25.47 8.29
CA GLU A 208 -7.28 26.69 8.90
C GLU A 208 -7.90 26.78 10.30
N THR A 209 -7.31 26.04 11.24
CA THR A 209 -7.85 25.91 12.59
C THR A 209 -7.28 27.03 13.46
N GLU A 210 -8.12 28.02 13.75
CA GLU A 210 -7.77 29.11 14.65
C GLU A 210 -8.26 28.78 16.05
N ILE A 211 -7.36 28.74 17.02
CA ILE A 211 -7.67 28.36 18.39
C ILE A 211 -7.11 29.43 19.32
N ARG A 212 -7.99 30.03 20.12
CA ARG A 212 -7.62 31.12 21.02
C ARG A 212 -7.90 30.72 22.47
N THR A 213 -7.05 31.22 23.36
CA THR A 213 -7.19 30.98 24.79
C THR A 213 -7.23 32.31 25.52
N GLU A 214 -8.14 32.42 26.49
CA GLU A 214 -8.38 33.65 27.23
C GLU A 214 -7.81 33.52 28.64
N CYS A 215 -6.85 34.38 28.97
CA CYS A 215 -6.33 34.42 30.32
C CYS A 215 -7.32 35.10 31.27
N SER A 216 -7.71 36.32 30.96
CA SER A 216 -8.72 37.06 31.71
C SER A 216 -9.59 37.83 30.72
N CYS A 217 -10.57 38.56 31.25
CA CYS A 217 -11.48 39.32 30.39
C CYS A 217 -10.80 40.45 29.64
N ASP A 218 -9.56 40.79 29.98
CA ASP A 218 -8.83 41.87 29.32
C ASP A 218 -7.69 41.36 28.44
N HIS A 219 -7.63 40.05 28.18
CA HIS A 219 -6.50 39.48 27.45
C HIS A 219 -6.95 38.20 26.76
N TYR A 220 -6.60 38.09 25.47
CA TYR A 220 -6.95 36.90 24.70
C TYR A 220 -5.87 36.68 23.64
N ASP A 221 -5.29 35.49 23.64
CA ASP A 221 -4.23 35.12 22.72
C ASP A 221 -4.70 34.05 21.75
N THR A 222 -4.34 34.21 20.48
CA THR A 222 -4.76 33.30 19.42
C THR A 222 -3.57 32.50 18.89
N THR A 223 -3.88 31.35 18.30
CA THR A 223 -2.89 30.50 17.64
C THR A 223 -3.51 29.94 16.37
N VAL A 224 -2.72 29.92 15.31
CA VAL A 224 -3.16 29.43 14.00
C VAL A 224 -2.34 28.21 13.64
N LYS A 225 -3.02 27.08 13.40
CA LYS A 225 -2.37 25.83 13.06
C LYS A 225 -3.16 25.15 11.95
N LEU A 226 -2.46 24.66 10.93
CA LEU A 226 -3.09 23.98 9.80
C LEU A 226 -3.19 22.49 10.14
N LEU A 227 -4.40 22.02 10.38
CA LEU A 227 -4.56 20.61 10.75
C LEU A 227 -5.06 19.80 9.57
N PRO A 228 -4.54 18.59 9.36
CA PRO A 228 -4.96 17.79 8.19
C PRO A 228 -6.27 17.06 8.38
N SER A 229 -6.73 16.85 9.61
CA SER A 229 -7.95 16.09 9.85
C SER A 229 -8.62 16.59 11.13
N LEU A 230 -9.93 16.38 11.20
CA LEU A 230 -10.70 16.71 12.39
C LEU A 230 -10.54 15.63 13.45
N SER A 231 -11.03 15.92 14.65
CA SER A 231 -10.97 14.99 15.78
C SER A 231 -12.27 15.11 16.56
N ILE A 232 -13.22 14.23 16.24
CA ILE A 232 -14.49 14.18 16.97
C ILE A 232 -14.28 13.26 18.16
N SER A 233 -13.70 13.82 19.22
CA SER A 233 -13.28 13.06 20.38
C SER A 233 -13.86 13.64 21.66
N GLY A 234 -14.39 12.77 22.51
CA GLY A 234 -14.94 13.15 23.79
C GLY A 234 -16.01 14.23 23.69
N ILE A 235 -17.06 13.95 22.94
CA ILE A 235 -18.12 14.95 22.71
C ILE A 235 -19.12 14.79 23.86
N ASN A 236 -18.78 15.42 24.98
CA ASN A 236 -19.65 15.41 26.15
C ASN A 236 -20.55 16.64 26.18
N LYS A 237 -21.27 16.88 25.08
CA LYS A 237 -22.17 18.02 24.96
C LYS A 237 -23.37 17.59 24.15
N THR A 238 -24.57 17.79 24.70
CA THR A 238 -25.81 17.39 24.06
C THR A 238 -26.77 18.57 24.06
N VAL A 239 -27.24 18.93 22.86
CA VAL A 239 -28.24 19.98 22.69
C VAL A 239 -29.49 19.29 22.16
N ILE A 240 -30.57 20.07 21.91
CA ILE A 240 -31.78 19.52 21.32
C ILE A 240 -31.40 18.77 20.05
N LYS A 241 -31.63 17.47 20.02
CA LYS A 241 -31.04 16.59 19.03
C LYS A 241 -31.96 16.31 17.85
N GLN A 242 -33.26 16.11 18.10
CA GLN A 242 -34.18 15.71 17.04
C GLN A 242 -34.31 16.75 15.93
N LEU A 243 -33.76 17.95 16.11
CA LEU A 243 -33.81 18.97 15.07
C LEU A 243 -32.88 18.62 13.92
N GLY A 249 -33.13 10.11 15.96
CA GLY A 249 -32.38 11.30 16.33
C GLY A 249 -32.03 12.19 15.15
N GLN A 250 -30.76 12.58 15.08
CA GLN A 250 -30.25 13.44 14.02
C GLN A 250 -29.14 12.73 13.27
N ASN A 251 -28.54 13.43 12.32
CA ASN A 251 -27.46 12.92 11.49
C ASN A 251 -26.11 13.34 12.07
N ILE A 252 -25.05 13.07 11.31
CA ILE A 252 -23.69 13.39 11.75
C ILE A 252 -23.38 14.88 11.65
N LEU A 253 -24.19 15.63 10.89
CA LEU A 253 -23.88 17.04 10.62
C LEU A 253 -23.63 17.88 11.86
N PRO A 254 -24.42 17.79 12.94
CA PRO A 254 -24.10 18.59 14.13
C PRO A 254 -22.75 18.25 14.76
N TYR A 255 -22.28 17.01 14.60
CA TYR A 255 -21.00 16.62 15.19
C TYR A 255 -19.84 17.28 14.46
N ILE A 256 -19.95 17.48 13.15
CA ILE A 256 -18.92 18.18 12.41
C ILE A 256 -18.94 19.67 12.73
N GLU A 257 -20.14 20.24 12.92
CA GLU A 257 -20.24 21.65 13.27
C GLU A 257 -19.65 21.92 14.64
N TYR A 258 -19.81 20.99 15.59
CA TYR A 258 -19.23 21.17 16.91
C TYR A 258 -17.70 21.10 16.85
N ALA A 259 -17.16 20.14 16.10
CA ALA A 259 -15.71 20.01 15.97
C ALA A 259 -15.09 21.19 15.24
N MET A 260 -15.87 21.90 14.42
CA MET A 260 -15.35 23.05 13.69
C MET A 260 -15.40 24.34 14.50
N LYS A 261 -16.22 24.39 15.54
CA LYS A 261 -16.30 25.58 16.39
C LYS A 261 -16.84 25.15 17.75
N ASN A 262 -15.97 25.11 18.76
CA ASN A 262 -16.37 24.68 20.09
C ASN A 262 -15.57 25.45 21.14
N VAL A 263 -16.19 25.63 22.31
CA VAL A 263 -15.57 26.31 23.44
C VAL A 263 -15.22 25.25 24.48
N THR A 264 -13.94 25.19 24.84
CA THR A 264 -13.43 24.19 25.76
C THR A 264 -12.87 24.86 27.01
N GLN A 265 -13.08 24.23 28.16
CA GLN A 265 -12.55 24.72 29.44
C GLN A 265 -11.55 23.69 29.95
N LYS A 266 -10.27 24.08 29.98
CA LYS A 266 -9.20 23.20 30.45
C LYS A 266 -8.13 24.07 31.08
N ASN A 267 -7.85 23.81 32.36
CA ASN A 267 -6.85 24.56 33.12
C ASN A 267 -5.66 23.65 33.41
N SER A 268 -4.47 24.11 33.02
CA SER A 268 -3.25 23.34 33.25
C SER A 268 -2.73 23.55 34.68
N THR A 280 -10.44 28.80 29.96
CA THR A 280 -11.32 28.62 28.80
C THR A 280 -10.50 28.63 27.50
N GLN A 281 -11.08 28.06 26.44
CA GLN A 281 -10.40 27.96 25.16
C GLN A 281 -11.45 27.82 24.07
N GLU A 282 -11.21 28.48 22.93
CA GLU A 282 -12.14 28.46 21.80
C GLU A 282 -11.35 28.21 20.53
N CYS A 283 -11.71 27.15 19.81
CA CYS A 283 -11.06 26.79 18.55
C CYS A 283 -12.10 26.78 17.44
N THR A 284 -11.77 27.43 16.32
CA THR A 284 -12.69 27.57 15.20
C THR A 284 -11.90 27.55 13.90
N VAL A 285 -12.44 26.87 12.89
CA VAL A 285 -11.82 26.79 11.57
C VAL A 285 -12.69 27.54 10.58
N LYS A 286 -12.06 28.42 9.79
CA LYS A 286 -12.74 29.23 8.80
C LYS A 286 -12.38 28.80 7.38
N ASN A 287 -12.22 27.49 7.18
CA ASN A 287 -11.84 26.95 5.88
C ASN A 287 -12.62 25.67 5.62
N LEU A 288 -13.20 25.55 4.43
CA LEU A 288 -13.84 24.32 3.97
C LEU A 288 -12.97 23.69 2.89
N PRO A 289 -12.04 22.81 3.24
CA PRO A 289 -11.12 22.25 2.24
C PRO A 289 -11.79 21.24 1.33
N SER A 290 -11.01 20.64 0.44
CA SER A 290 -11.57 19.73 -0.57
C SER A 290 -12.03 18.42 0.07
N VAL A 291 -11.18 17.79 0.86
CA VAL A 291 -11.49 16.52 1.51
C VAL A 291 -11.49 16.72 3.02
N LEU A 292 -12.54 16.22 3.67
CA LEU A 292 -12.71 16.31 5.12
C LEU A 292 -12.45 14.94 5.73
N SER A 293 -11.32 14.80 6.42
CA SER A 293 -10.97 13.56 7.11
C SER A 293 -11.42 13.65 8.55
N LEU A 294 -12.39 12.81 8.92
CA LEU A 294 -12.97 12.80 10.27
C LEU A 294 -12.50 11.57 11.03
N GLU A 295 -12.28 11.74 12.33
CA GLU A 295 -11.81 10.65 13.19
C GLU A 295 -12.73 10.55 14.41
N LEU A 296 -13.70 9.65 14.34
CA LEU A 296 -14.66 9.51 15.44
C LEU A 296 -14.01 8.82 16.63
N SER A 297 -14.09 9.48 17.79
CA SER A 297 -13.61 8.92 19.05
C SER A 297 -14.68 9.23 20.10
N LEU A 298 -15.65 8.33 20.24
CA LEU A 298 -16.80 8.53 21.10
C LEU A 298 -16.82 7.46 22.19
N LEU A 299 -17.87 7.46 22.98
CA LEU A 299 -18.08 6.47 24.03
C LEU A 299 -19.05 5.40 23.55
N ASP A 300 -19.09 4.29 24.29
CA ASP A 300 -20.01 3.21 23.95
C ASP A 300 -21.45 3.61 24.19
N THR A 301 -21.71 4.44 25.21
CA THR A 301 -23.05 4.98 25.41
C THR A 301 -23.48 5.85 24.23
N GLU A 302 -22.53 6.56 23.61
CA GLU A 302 -22.83 7.31 22.40
C GLU A 302 -22.95 6.40 21.19
N PHE A 303 -22.12 5.34 21.13
CA PHE A 303 -22.19 4.41 20.01
C PHE A 303 -23.44 3.55 20.07
N SER A 304 -23.94 3.26 21.26
CA SER A 304 -25.18 2.51 21.39
C SER A 304 -26.37 3.36 20.95
N ASN A 305 -26.37 4.64 21.30
CA ASN A 305 -27.44 5.55 20.93
C ASN A 305 -27.29 6.11 19.52
N ILE A 306 -26.17 5.83 18.85
CA ILE A 306 -25.99 6.34 17.50
C ILE A 306 -26.46 5.34 16.44
N ARG A 307 -26.51 4.06 16.78
CA ARG A 307 -26.98 3.04 15.85
C ARG A 307 -28.50 2.99 15.77
N SER A 308 -29.20 3.77 16.59
CA SER A 308 -30.66 3.83 16.52
C SER A 308 -31.15 4.95 15.61
N SER A 309 -30.37 6.02 15.45
CA SER A 309 -30.75 7.11 14.56
C SER A 309 -30.61 6.66 13.11
N LYS A 310 -31.74 6.50 12.42
CA LYS A 310 -31.72 6.04 11.05
C LYS A 310 -31.11 7.10 10.14
N ASN A 311 -30.29 6.64 9.19
CA ASN A 311 -29.61 7.52 8.23
C ASN A 311 -28.76 8.57 8.93
N TRP A 312 -28.03 8.14 9.96
CA TRP A 312 -27.15 9.07 10.66
C TRP A 312 -25.97 9.49 9.79
N LEU A 313 -25.36 8.55 9.09
CA LEU A 313 -24.26 8.85 8.19
C LEU A 313 -24.83 9.48 6.93
N THR A 314 -24.82 10.82 6.89
CA THR A 314 -25.37 11.53 5.74
C THR A 314 -24.51 11.30 4.50
N SER A 315 -25.14 10.87 3.41
CA SER A 315 -24.41 10.57 2.19
C SER A 315 -23.84 11.85 1.59
N GLU A 316 -24.69 12.84 1.33
CA GLU A 316 -24.28 14.10 0.73
C GLU A 316 -24.97 15.24 1.46
N PHE A 317 -24.25 16.36 1.61
CA PHE A 317 -24.81 17.54 2.26
C PHE A 317 -24.13 18.79 1.70
N TYR A 318 -24.77 19.92 1.93
CA TYR A 318 -24.26 21.21 1.50
C TYR A 318 -23.87 22.05 2.71
N GLY A 319 -22.73 22.72 2.62
CA GLY A 319 -22.23 23.50 3.73
C GLY A 319 -21.46 24.71 3.24
N SER A 320 -21.51 25.78 4.04
CA SER A 320 -20.82 27.01 3.71
C SER A 320 -20.46 27.73 5.00
N ILE A 321 -19.69 28.81 4.87
CA ILE A 321 -19.25 29.60 6.00
C ILE A 321 -19.98 30.93 5.93
N ILE A 322 -20.98 31.10 6.80
CA ILE A 322 -21.76 32.33 6.85
C ILE A 322 -21.21 33.22 7.96
N LYS A 323 -21.28 32.74 9.19
CA LYS A 323 -20.73 33.46 10.34
C LYS A 323 -19.28 33.02 10.57
N ASN A 324 -18.73 33.36 11.74
CA ASN A 324 -17.37 32.95 12.05
C ASN A 324 -17.26 31.43 12.22
N LYS A 325 -18.39 30.73 12.31
CA LYS A 325 -18.45 29.29 12.36
C LYS A 325 -18.89 28.74 11.00
N ALA A 326 -19.12 27.43 10.93
CA ALA A 326 -19.55 26.77 9.70
C ALA A 326 -20.91 26.12 9.92
N VAL A 327 -21.77 26.22 8.90
CA VAL A 327 -23.12 25.68 8.96
C VAL A 327 -23.23 24.54 7.96
N LEU A 328 -23.92 23.47 8.35
CA LEU A 328 -24.08 22.29 7.51
C LEU A 328 -25.53 21.85 7.56
N ARG A 329 -26.19 21.82 6.41
CA ARG A 329 -27.57 21.35 6.30
C ARG A 329 -27.66 20.35 5.16
N SER A 330 -28.81 19.67 5.08
CA SER A 330 -28.96 18.52 4.19
C SER A 330 -28.99 18.95 2.73
N THR A 331 -29.98 19.77 2.35
CA THR A 331 -30.12 20.21 0.97
C THR A 331 -29.83 21.70 0.87
N ALA A 332 -29.71 22.16 -0.38
CA ALA A 332 -29.41 23.56 -0.64
C ALA A 332 -30.58 24.48 -0.34
N SER A 333 -31.79 23.93 -0.17
CA SER A 333 -32.95 24.78 0.12
C SER A 333 -32.85 25.38 1.51
N GLU A 334 -32.48 24.58 2.51
CA GLU A 334 -32.35 25.09 3.87
C GLU A 334 -31.11 25.96 4.06
N LEU A 335 -30.20 26.00 3.09
CA LEU A 335 -29.06 26.89 3.18
C LEU A 335 -29.49 28.33 2.93
N LYS A 336 -28.80 29.26 3.59
CA LYS A 336 -29.15 30.67 3.45
C LYS A 336 -28.87 31.18 2.04
N GLY A 337 -27.79 30.70 1.42
CA GLY A 337 -27.46 31.11 0.07
C GLY A 337 -26.74 32.44 -0.03
N THR A 338 -26.23 32.99 1.08
CA THR A 338 -25.55 34.27 1.04
C THR A 338 -24.14 34.13 0.46
N SER A 339 -23.38 33.15 0.95
CA SER A 339 -22.04 32.89 0.43
C SER A 339 -22.11 31.90 -0.72
N HIS A 340 -20.96 31.40 -1.16
CA HIS A 340 -20.91 30.37 -2.18
C HIS A 340 -21.01 28.99 -1.53
N ILE A 341 -21.74 28.10 -2.17
CA ILE A 341 -22.08 26.81 -1.58
C ILE A 341 -21.05 25.77 -1.97
N PHE A 342 -20.78 24.86 -1.05
CA PHE A 342 -19.85 23.74 -1.25
C PHE A 342 -20.60 22.45 -1.00
N LYS A 343 -20.77 21.64 -2.05
CA LYS A 343 -21.46 20.36 -1.95
C LYS A 343 -20.45 19.28 -1.61
N TYR A 344 -20.70 18.55 -0.52
CA TYR A 344 -19.81 17.51 -0.04
C TYR A 344 -20.51 16.16 -0.10
N GLU A 345 -19.87 15.19 -0.74
CA GLU A 345 -20.35 13.81 -0.79
C GLU A 345 -19.39 12.90 -0.05
N LEU A 346 -19.94 11.83 0.54
CA LEU A 346 -19.14 10.89 1.30
C LEU A 346 -18.36 10.00 0.35
N ASN A 347 -17.02 10.07 0.44
CA ASN A 347 -16.16 9.30 -0.44
C ASN A 347 -15.90 7.89 0.11
N GLY A 348 -16.07 7.68 1.40
CA GLY A 348 -15.81 6.39 1.99
C GLY A 348 -15.62 6.53 3.49
N TYR A 349 -15.48 5.38 4.14
CA TYR A 349 -15.22 5.37 5.57
C TYR A 349 -14.68 4.01 5.98
N VAL A 350 -14.05 3.97 7.16
CA VAL A 350 -13.47 2.78 7.72
C VAL A 350 -14.22 2.46 9.01
N ALA A 351 -14.78 1.25 9.08
CA ALA A 351 -15.56 0.81 10.23
C ALA A 351 -14.84 -0.32 10.95
N LYS A 352 -15.06 -0.41 12.26
CA LYS A 352 -14.51 -1.47 13.07
C LYS A 352 -15.54 -2.59 13.21
N ILE A 353 -15.10 -3.82 12.97
CA ILE A 353 -15.97 -4.99 13.00
C ILE A 353 -15.61 -5.81 14.24
N THR A 354 -16.56 -5.91 15.17
CA THR A 354 -16.41 -6.74 16.37
C THR A 354 -17.14 -8.05 16.11
N ASP A 355 -16.38 -9.10 15.77
CA ASP A 355 -16.96 -10.36 15.37
C ASP A 355 -17.65 -11.03 16.56
N ASN A 356 -18.48 -12.04 16.24
CA ASN A 356 -19.17 -12.78 17.29
C ASN A 356 -18.20 -13.50 18.21
N ASN A 357 -17.00 -13.81 17.71
CA ASN A 357 -15.94 -14.41 18.53
C ASN A 357 -15.10 -13.36 19.25
N ASN A 358 -15.62 -12.14 19.41
CA ASN A 358 -14.92 -11.04 20.05
C ASN A 358 -13.62 -10.71 19.31
N GLU A 359 -13.64 -10.86 17.99
CA GLU A 359 -12.49 -10.52 17.16
C GLU A 359 -12.69 -9.14 16.55
N THR A 360 -11.62 -8.36 16.52
CA THR A 360 -11.65 -6.99 16.03
C THR A 360 -10.84 -6.88 14.74
N ARG A 361 -11.41 -6.21 13.75
CA ARG A 361 -10.74 -5.98 12.48
C ARG A 361 -11.48 -4.88 11.74
N LEU A 362 -10.75 -4.19 10.86
CA LEU A 362 -11.27 -3.04 10.14
C LEU A 362 -11.63 -3.42 8.71
N VAL A 363 -12.66 -2.76 8.19
CA VAL A 363 -13.07 -2.87 6.79
C VAL A 363 -13.20 -1.46 6.23
N THR A 364 -13.19 -1.37 4.90
CA THR A 364 -13.22 -0.09 4.23
C THR A 364 -14.39 -0.02 3.27
N TYR A 365 -15.21 1.01 3.39
CA TYR A 365 -16.28 1.29 2.44
C TYR A 365 -15.81 2.40 1.50
N VAL A 366 -16.14 2.25 0.22
CA VAL A 366 -15.62 3.12 -0.83
C VAL A 366 -16.70 3.34 -1.89
N LYS A 367 -16.89 4.59 -2.27
CA LYS A 367 -17.74 4.97 -3.40
C LYS A 367 -16.86 5.51 -4.50
N LYS A 368 -17.02 4.99 -5.72
CA LYS A 368 -16.23 5.43 -6.86
C LYS A 368 -17.15 5.81 -8.01
N TYR A 369 -16.91 6.98 -8.59
CA TYR A 369 -17.77 7.51 -9.63
C TYR A 369 -17.52 6.78 -10.95
N ASN A 370 -18.58 6.67 -11.75
CA ASN A 370 -18.49 6.04 -13.07
C ASN A 370 -18.70 7.10 -14.14
N PRO A 371 -17.67 7.48 -14.89
CA PRO A 371 -17.86 8.54 -15.91
C PRO A 371 -18.70 8.12 -17.09
N LYS A 372 -18.86 6.82 -17.34
CA LYS A 372 -19.65 6.36 -18.48
C LYS A 372 -21.12 6.75 -18.30
N GLU A 373 -21.74 6.26 -17.24
CA GLU A 373 -23.11 6.64 -16.89
C GLU A 373 -23.13 7.13 -15.45
N ASN A 374 -23.97 8.13 -15.18
CA ASN A 374 -23.96 8.80 -13.89
C ASN A 374 -24.53 7.89 -12.80
N CYS A 375 -23.66 7.17 -12.10
CA CYS A 375 -24.06 6.34 -10.98
C CYS A 375 -22.90 6.30 -9.98
N PHE A 376 -23.01 5.42 -8.99
CA PHE A 376 -22.00 5.29 -7.96
C PHE A 376 -21.86 3.82 -7.59
N LYS A 377 -20.68 3.26 -7.82
CA LYS A 377 -20.39 1.89 -7.44
C LYS A 377 -19.79 1.87 -6.04
N TRP A 378 -20.45 1.19 -5.12
CA TRP A 378 -19.99 1.07 -3.74
C TRP A 378 -19.24 -0.23 -3.56
N LEU A 379 -18.13 -0.18 -2.81
CA LEU A 379 -17.27 -1.33 -2.59
C LEU A 379 -16.98 -1.48 -1.10
N MET A 380 -16.84 -2.72 -0.67
CA MET A 380 -16.46 -3.05 0.70
C MET A 380 -15.16 -3.83 0.65
N PHE A 381 -14.12 -3.30 1.31
CA PHE A 381 -12.77 -3.85 1.23
C PHE A 381 -12.42 -4.50 2.56
N ASN A 382 -12.45 -5.83 2.59
CA ASN A 382 -11.79 -6.58 3.66
C ASN A 382 -10.31 -6.69 3.29
N ASP A 383 -9.57 -7.59 3.94
CA ASP A 383 -8.15 -7.75 3.61
C ASP A 383 -7.97 -8.03 2.12
N TYR A 384 -8.46 -9.17 1.65
CA TYR A 384 -8.46 -9.46 0.22
C TYR A 384 -9.85 -9.79 -0.30
N LEU A 385 -10.88 -9.63 0.53
CA LEU A 385 -12.26 -9.81 0.10
C LEU A 385 -12.79 -8.47 -0.38
N VAL A 386 -13.19 -8.42 -1.65
CA VAL A 386 -13.72 -7.21 -2.28
C VAL A 386 -15.07 -7.55 -2.90
N VAL A 387 -16.09 -6.77 -2.57
CA VAL A 387 -17.44 -7.00 -3.07
C VAL A 387 -18.07 -5.67 -3.45
N GLU A 388 -18.79 -5.67 -4.57
CA GLU A 388 -19.54 -4.49 -5.03
C GLU A 388 -20.90 -4.52 -4.36
N ILE A 389 -21.08 -3.72 -3.33
CA ILE A 389 -22.29 -3.74 -2.55
C ILE A 389 -23.15 -2.53 -2.91
N THR A 390 -24.40 -2.55 -2.48
CA THR A 390 -25.31 -1.43 -2.71
C THR A 390 -25.06 -0.34 -1.66
N GLU A 391 -25.59 0.84 -1.95
CA GLU A 391 -25.38 1.97 -1.05
C GLU A 391 -26.21 1.83 0.22
N GLU A 392 -27.43 1.31 0.11
CA GLU A 392 -28.27 1.14 1.29
C GLU A 392 -27.58 0.29 2.35
N GLU A 393 -26.93 -0.79 1.92
CA GLU A 393 -26.18 -1.64 2.83
C GLU A 393 -24.86 -0.99 3.28
N ALA A 394 -24.34 -0.05 2.49
CA ALA A 394 -23.07 0.59 2.84
C ALA A 394 -23.25 1.68 3.89
N LEU A 395 -24.44 2.27 3.99
CA LEU A 395 -24.68 3.35 4.93
C LEU A 395 -25.39 2.89 6.21
N LYS A 396 -25.90 1.66 6.24
CA LYS A 396 -26.67 1.20 7.39
C LYS A 396 -25.75 1.03 8.60
N MET A 397 -26.10 1.73 9.69
CA MET A 397 -25.35 1.67 10.93
C MET A 397 -26.09 0.90 12.03
N THR A 398 -27.19 0.25 11.68
CA THR A 398 -28.02 -0.42 12.68
C THR A 398 -27.32 -1.61 13.33
N TYR A 399 -26.33 -2.20 12.64
CA TYR A 399 -25.68 -3.40 13.15
C TYR A 399 -24.80 -3.07 14.35
N PRO A 400 -24.95 -3.79 15.48
CA PRO A 400 -24.12 -3.49 16.65
C PRO A 400 -22.65 -3.87 16.48
N TRP A 401 -22.32 -4.69 15.50
CA TRP A 401 -20.95 -5.09 15.24
C TRP A 401 -20.22 -4.13 14.30
N LYS A 402 -20.77 -2.94 14.07
CA LYS A 402 -20.19 -1.97 13.15
C LYS A 402 -20.01 -0.65 13.88
N THR A 403 -18.78 -0.16 13.95
CA THR A 403 -18.45 1.09 14.63
C THR A 403 -17.63 1.96 13.70
N PRO A 404 -18.16 3.10 13.24
CA PRO A 404 -17.38 3.97 12.34
C PRO A 404 -16.15 4.54 13.05
N GLU A 405 -15.01 4.45 12.38
CA GLU A 405 -13.73 4.88 12.92
C GLU A 405 -13.19 6.11 12.23
N ILE A 406 -13.19 6.13 10.89
CA ILE A 406 -12.63 7.22 10.10
C ILE A 406 -13.55 7.47 8.91
N ILE A 407 -13.99 8.71 8.74
CA ILE A 407 -14.91 9.07 7.66
C ILE A 407 -14.27 10.20 6.85
N ILE A 408 -14.35 10.09 5.53
CA ILE A 408 -13.86 11.13 4.63
C ILE A 408 -15.02 11.66 3.81
N TYR A 409 -15.05 12.98 3.63
CA TYR A 409 -16.00 13.67 2.78
C TYR A 409 -15.24 14.45 1.72
N CYS A 410 -15.65 14.29 0.47
CA CYS A 410 -14.98 14.94 -0.65
C CYS A 410 -15.94 15.88 -1.36
N ASP A 411 -15.39 16.89 -2.02
CA ASP A 411 -16.22 17.83 -2.77
C ASP A 411 -16.94 17.11 -3.90
N ALA A 412 -18.17 17.55 -4.16
CA ALA A 412 -19.00 16.87 -5.16
C ALA A 412 -18.36 16.93 -6.53
N GLU A 413 -18.11 18.15 -7.04
CA GLU A 413 -17.51 18.29 -8.37
C GLU A 413 -16.09 17.76 -8.43
N GLU A 414 -15.41 17.62 -7.29
CA GLU A 414 -14.04 17.15 -7.26
C GLU A 414 -13.95 15.63 -7.24
N LEU A 415 -14.96 14.95 -6.70
CA LEU A 415 -14.96 13.49 -6.68
C LEU A 415 -15.10 12.92 -8.09
N ARG A 416 -15.82 13.62 -8.97
CA ARG A 416 -16.01 13.16 -10.35
C ARG A 416 -14.74 13.23 -11.18
N LYS A 417 -13.66 13.80 -10.64
CA LYS A 417 -12.42 13.90 -11.41
C LYS A 417 -11.84 12.51 -11.64
N PRO A 418 -11.44 12.18 -12.86
CA PRO A 418 -10.94 10.83 -13.12
C PRO A 418 -9.58 10.60 -12.49
N PHE A 419 -9.26 9.32 -12.30
CA PHE A 419 -7.97 8.91 -11.76
C PHE A 419 -6.94 8.84 -12.87
N PHE A 420 -5.87 9.61 -12.74
CA PHE A 420 -4.82 9.68 -13.75
C PHE A 420 -3.62 8.87 -13.30
N SER A 421 -3.17 7.95 -14.15
CA SER A 421 -2.00 7.15 -13.86
C SER A 421 -0.73 7.92 -14.18
N VAL A 422 0.40 7.38 -13.71
CA VAL A 422 1.68 7.99 -13.98
C VAL A 422 2.04 7.90 -15.46
N ASP A 423 1.48 6.91 -16.17
CA ASP A 423 1.80 6.73 -17.59
C ASP A 423 1.41 7.93 -18.45
N THR A 424 0.47 8.76 -17.98
CA THR A 424 0.10 9.96 -18.70
C THR A 424 1.05 11.13 -18.45
N TYR A 425 2.16 10.88 -17.77
CA TYR A 425 3.12 11.92 -17.38
C TYR A 425 4.46 11.66 -18.05
N SER A 426 5.40 12.57 -17.79
CA SER A 426 6.78 12.45 -18.28
C SER A 426 7.64 11.98 -17.12
N ILE A 427 8.09 10.73 -17.19
CA ILE A 427 8.83 10.07 -16.12
C ILE A 427 10.32 10.27 -16.34
N ASN A 428 11.07 10.31 -15.24
CA ASN A 428 12.51 10.53 -15.26
C ASN A 428 13.23 9.21 -15.00
N TYR A 429 13.82 8.64 -16.05
CA TYR A 429 14.50 7.35 -15.98
C TYR A 429 16.00 7.48 -15.76
N ASP A 430 16.45 8.57 -15.13
CA ASP A 430 17.87 8.83 -15.01
C ASP A 430 18.57 7.87 -14.04
N ILE A 431 17.82 7.23 -13.13
CA ILE A 431 18.45 6.35 -12.14
C ILE A 431 19.01 5.09 -12.79
N LEU A 432 18.54 4.72 -13.98
CA LEU A 432 19.08 3.57 -14.68
C LEU A 432 20.48 3.84 -15.21
N PHE A 433 20.67 5.00 -15.85
CA PHE A 433 21.96 5.34 -16.45
C PHE A 433 22.94 5.94 -15.46
N ARG A 434 22.48 6.37 -14.29
CA ARG A 434 23.32 7.03 -13.30
C ARG A 434 23.74 6.04 -12.22
N ASP A 435 24.97 6.18 -11.74
CA ASP A 435 25.49 5.36 -10.65
C ASP A 435 25.25 6.09 -9.33
N TYR A 436 24.36 5.53 -8.51
CA TYR A 436 24.02 6.10 -7.21
C TYR A 436 24.58 5.16 -6.14
N PHE A 437 25.65 5.58 -5.46
CA PHE A 437 26.32 4.75 -4.48
C PHE A 437 26.42 5.51 -3.17
N ALA A 438 25.87 4.95 -2.10
CA ALA A 438 26.03 5.49 -0.75
C ALA A 438 27.21 4.84 -0.04
N ASN A 439 28.37 4.84 -0.69
CA ASN A 439 29.57 4.22 -0.15
C ASN A 439 30.78 4.94 -0.72
N GLY A 440 31.96 4.34 -0.56
CA GLY A 440 33.19 4.88 -1.09
C GLY A 440 34.06 3.82 -1.75
N ARG A 447 32.04 -4.76 -9.24
CA ARG A 447 31.98 -3.60 -10.10
C ARG A 447 32.30 -3.97 -11.55
N GLU A 448 32.16 -5.27 -11.87
CA GLU A 448 32.45 -5.74 -13.22
C GLU A 448 31.37 -5.35 -14.22
N TYR A 449 30.22 -4.87 -13.75
CA TYR A 449 29.14 -4.48 -14.64
C TYR A 449 29.47 -3.17 -15.36
N LYS A 450 28.63 -2.83 -16.33
CA LYS A 450 28.75 -1.58 -17.08
C LYS A 450 27.39 -0.91 -17.14
N LEU A 451 27.34 0.36 -16.77
CA LEU A 451 26.07 1.09 -16.78
C LEU A 451 25.54 1.25 -18.21
N LEU A 452 24.23 1.44 -18.30
CA LEU A 452 23.58 1.57 -19.60
C LEU A 452 23.83 2.95 -20.19
N THR A 453 23.96 2.98 -21.52
CA THR A 453 24.06 4.23 -22.26
C THR A 453 22.73 4.56 -22.91
N HIS A 454 22.58 5.82 -23.33
CA HIS A 454 21.33 6.25 -23.95
C HIS A 454 21.08 5.57 -25.28
N ASP A 455 22.12 5.02 -25.91
CA ASP A 455 21.92 4.18 -27.09
C ASP A 455 21.27 2.85 -26.73
N GLU A 456 21.28 2.48 -25.45
CA GLU A 456 20.63 1.27 -24.96
C GLU A 456 19.29 1.58 -24.31
N ALA A 457 18.55 2.54 -24.85
CA ALA A 457 17.29 2.97 -24.27
C ALA A 457 16.30 1.82 -24.20
N PRO A 458 15.90 1.37 -23.01
CA PRO A 458 14.94 0.26 -22.92
C PRO A 458 13.56 0.69 -23.40
N LYS A 459 12.99 -0.13 -24.27
CA LYS A 459 11.67 0.12 -24.85
C LYS A 459 10.73 -1.01 -24.47
N SER A 460 9.53 -0.98 -25.04
CA SER A 460 8.53 -2.01 -24.79
C SER A 460 8.95 -3.29 -25.51
N GLY A 461 9.49 -4.24 -24.75
CA GLY A 461 9.93 -5.51 -25.29
C GLY A 461 11.38 -5.87 -25.00
N THR A 462 12.13 -5.02 -24.29
CA THR A 462 13.54 -5.31 -24.02
C THR A 462 13.65 -6.48 -23.05
N LEU A 463 14.61 -7.37 -23.31
CA LEU A 463 14.83 -8.52 -22.47
C LEU A 463 15.87 -8.22 -21.39
N VAL A 464 15.58 -8.65 -20.17
CA VAL A 464 16.48 -8.49 -19.04
C VAL A 464 16.40 -9.74 -18.17
N ALA A 465 17.53 -10.14 -17.61
CA ALA A 465 17.61 -11.29 -16.71
C ALA A 465 17.78 -10.77 -15.28
N ILE A 466 16.90 -11.19 -14.39
CA ILE A 466 16.86 -10.67 -13.02
C ILE A 466 16.90 -11.85 -12.05
N ASP A 467 17.72 -11.71 -11.01
CA ASP A 467 17.79 -12.68 -9.93
C ASP A 467 18.05 -11.92 -8.63
N ALA A 468 17.22 -12.17 -7.62
CA ALA A 468 17.28 -11.44 -6.36
C ALA A 468 17.66 -12.38 -5.22
N ALA A 469 18.29 -11.81 -4.20
CA ALA A 469 18.68 -12.53 -3.00
C ALA A 469 18.07 -11.85 -1.77
N PHE A 470 17.58 -12.66 -0.85
CA PHE A 470 16.89 -12.17 0.35
C PHE A 470 17.56 -12.72 1.60
N VAL A 471 17.10 -12.25 2.76
CA VAL A 471 17.54 -12.74 4.06
C VAL A 471 16.32 -12.91 4.96
N SER A 472 16.49 -13.71 6.00
CA SER A 472 15.41 -14.04 6.92
C SER A 472 15.57 -13.22 8.20
N LEU A 473 14.56 -12.41 8.51
CA LEU A 473 14.60 -11.55 9.69
C LEU A 473 13.93 -12.19 10.91
N GLN A 474 12.79 -12.85 10.72
CA GLN A 474 12.05 -13.42 11.84
C GLN A 474 11.51 -14.79 11.45
N SER A 475 11.33 -15.63 12.45
CA SER A 475 10.84 -16.99 12.28
C SER A 475 9.31 -17.03 12.22
N GLU A 476 8.74 -18.23 12.35
CA GLU A 476 7.31 -18.41 12.09
C GLU A 476 6.45 -17.72 13.15
N LEU A 477 6.69 -18.03 14.42
CA LEU A 477 5.98 -17.40 15.54
C LEU A 477 4.46 -17.66 15.43
N CYS A 478 4.13 -18.95 15.58
CA CYS A 478 2.82 -19.52 15.34
C CYS A 478 2.22 -20.02 16.67
N GLU A 479 0.90 -20.31 16.65
CA GLU A 479 0.08 -20.76 17.82
C GLU A 479 -0.44 -19.61 18.68
N ILE A 488 -2.70 -16.14 14.81
CA ILE A 488 -1.42 -15.81 15.41
C ILE A 488 -0.29 -16.45 14.60
N ILE A 489 -0.64 -17.47 13.82
CA ILE A 489 0.32 -18.19 12.99
C ILE A 489 0.61 -17.33 11.77
N ARG A 490 1.76 -16.65 11.76
CA ARG A 490 2.08 -15.76 10.65
C ARG A 490 3.58 -15.56 10.50
N PRO A 491 4.23 -16.24 9.55
CA PRO A 491 5.61 -15.86 9.20
C PRO A 491 5.63 -14.49 8.54
N LYS A 492 6.24 -13.52 9.19
CA LYS A 492 6.06 -12.12 8.84
C LYS A 492 7.23 -11.48 8.13
N ARG A 493 8.46 -11.71 8.58
CA ARG A 493 9.60 -10.90 8.18
C ARG A 493 10.49 -11.63 7.19
N THR A 494 10.82 -10.95 6.10
CA THR A 494 11.85 -11.38 5.16
C THR A 494 12.30 -10.14 4.38
N ALA A 495 13.61 -9.95 4.27
CA ALA A 495 14.18 -8.71 3.75
C ALA A 495 14.96 -8.98 2.47
N LEU A 496 14.81 -8.06 1.51
CA LEU A 496 15.58 -8.12 0.27
C LEU A 496 16.99 -7.56 0.49
N ALA A 497 17.97 -8.28 -0.03
CA ALA A 497 19.38 -7.93 0.17
C ALA A 497 20.09 -7.54 -1.12
N ARG A 498 19.78 -8.19 -2.23
CA ARG A 498 20.52 -7.94 -3.46
C ARG A 498 19.68 -8.35 -4.67
N ILE A 499 19.73 -7.52 -5.72
CA ILE A 499 19.21 -7.87 -7.02
C ILE A 499 20.27 -7.53 -8.07
N SER A 500 20.16 -8.16 -9.23
CA SER A 500 21.08 -7.94 -10.34
C SER A 500 20.35 -8.18 -11.64
N ILE A 501 20.35 -7.17 -12.52
CA ILE A 501 19.68 -7.25 -13.81
C ILE A 501 20.73 -7.36 -14.90
N ILE A 502 20.50 -8.24 -15.86
CA ILE A 502 21.45 -8.53 -16.93
C ILE A 502 20.88 -8.07 -18.27
N ARG A 503 21.77 -7.66 -19.16
CA ARG A 503 21.37 -7.32 -20.52
C ARG A 503 20.95 -8.59 -21.26
N GLY A 504 19.70 -8.61 -21.73
CA GLY A 504 19.17 -9.77 -22.41
C GLY A 504 19.17 -9.66 -23.91
N GLU A 505 19.38 -8.45 -24.44
CA GLU A 505 19.36 -8.23 -25.87
C GLU A 505 20.66 -8.72 -26.49
N GLU A 506 20.54 -9.42 -27.62
CA GLU A 506 21.70 -9.95 -28.31
C GLU A 506 22.54 -8.83 -28.92
N GLY A 507 23.84 -9.03 -28.94
CA GLY A 507 24.76 -8.06 -29.49
C GLY A 507 26.07 -8.07 -28.71
N GLU A 508 26.78 -6.95 -28.81
CA GLU A 508 28.06 -6.81 -28.10
C GLU A 508 27.86 -6.91 -26.59
N LEU A 509 26.92 -6.11 -26.06
CA LEU A 509 26.67 -6.08 -24.62
C LEU A 509 25.53 -7.06 -24.28
N TYR A 510 25.85 -8.34 -24.46
CA TYR A 510 24.93 -9.42 -24.16
C TYR A 510 25.44 -10.21 -22.97
N GLY A 511 24.55 -10.51 -22.02
CA GLY A 511 24.92 -11.25 -20.84
C GLY A 511 25.72 -10.48 -19.82
N VAL A 512 25.99 -9.20 -20.05
CA VAL A 512 26.73 -8.36 -19.11
C VAL A 512 25.73 -7.56 -18.29
N PRO A 513 25.85 -7.53 -16.97
CA PRO A 513 24.88 -6.79 -16.15
C PRO A 513 25.09 -5.29 -16.27
N PHE A 514 24.08 -4.54 -15.81
CA PHE A 514 24.18 -3.09 -15.76
C PHE A 514 23.85 -2.50 -14.40
N VAL A 515 23.21 -3.25 -13.49
CA VAL A 515 23.03 -2.81 -12.12
C VAL A 515 23.24 -4.02 -11.21
N ASP A 516 24.18 -3.90 -10.27
CA ASP A 516 24.46 -4.94 -9.27
C ASP A 516 24.52 -4.22 -7.93
N ASP A 517 23.36 -4.06 -7.30
CA ASP A 517 23.23 -3.26 -6.09
C ASP A 517 22.88 -4.14 -4.90
N TYR A 518 23.44 -3.81 -3.74
CA TYR A 518 23.10 -4.44 -2.48
C TYR A 518 22.19 -3.50 -1.70
N VAL A 519 21.06 -4.00 -1.24
CA VAL A 519 20.09 -3.19 -0.52
C VAL A 519 20.57 -2.96 0.90
N VAL A 520 20.65 -1.69 1.31
CA VAL A 520 21.06 -1.37 2.67
C VAL A 520 19.97 -1.82 3.65
N ASN A 521 20.38 -2.11 4.88
CA ASN A 521 19.44 -2.58 5.89
C ASN A 521 20.04 -2.32 7.27
N THR A 522 19.29 -1.60 8.11
CA THR A 522 19.72 -1.32 9.47
C THR A 522 19.01 -2.18 10.51
N ASN A 523 17.99 -2.93 10.11
CA ASN A 523 17.27 -3.78 11.06
C ASN A 523 18.11 -4.99 11.46
N HIS A 524 17.72 -5.60 12.57
CA HIS A 524 18.43 -6.78 13.06
C HIS A 524 18.15 -7.97 12.14
N ILE A 525 19.21 -8.72 11.84
CA ILE A 525 19.14 -9.84 10.92
C ILE A 525 19.28 -11.13 11.72
N GLU A 526 18.37 -12.08 11.47
CA GLU A 526 18.42 -13.35 12.18
C GLU A 526 19.43 -14.31 11.54
N ASP A 527 19.30 -14.55 10.24
CA ASP A 527 20.23 -15.42 9.53
C ASP A 527 20.35 -14.91 8.09
N TYR A 528 21.60 -14.76 7.63
CA TYR A 528 21.83 -14.24 6.29
C TYR A 528 21.49 -15.25 5.21
N LEU A 529 21.42 -16.54 5.54
CA LEU A 529 21.23 -17.61 4.57
C LEU A 529 22.31 -17.54 3.49
N THR A 530 23.56 -17.45 3.94
CA THR A 530 24.68 -17.21 3.03
C THR A 530 24.89 -18.38 2.07
N ARG A 531 24.57 -19.60 2.50
CA ARG A 531 24.72 -20.76 1.62
C ARG A 531 23.79 -20.70 0.42
N TYR A 532 22.72 -19.92 0.50
CA TYR A 532 21.77 -19.80 -0.60
C TYR A 532 21.61 -18.38 -1.12
N SER A 533 22.12 -17.37 -0.43
CA SER A 533 22.01 -15.99 -0.87
C SER A 533 23.34 -15.37 -1.28
N GLY A 534 24.46 -15.94 -0.85
CA GLY A 534 25.74 -15.31 -1.10
C GLY A 534 25.93 -13.99 -0.39
N ILE A 535 25.17 -13.73 0.67
CA ILE A 535 25.22 -12.48 1.40
C ILE A 535 26.02 -12.71 2.67
N LEU A 536 27.12 -12.00 2.82
CA LEU A 536 27.94 -12.03 4.00
C LEU A 536 27.64 -10.82 4.89
N PRO A 537 27.99 -10.87 6.17
CA PRO A 537 27.66 -9.74 7.06
C PRO A 537 28.43 -8.47 6.72
N GLY A 538 28.28 -8.01 5.48
CA GLY A 538 28.83 -6.75 5.04
C GLY A 538 27.73 -5.81 4.59
N ASP A 539 26.51 -6.09 5.04
CA ASP A 539 25.35 -5.28 4.70
C ASP A 539 25.18 -4.09 5.64
N LEU A 540 26.09 -3.90 6.60
CA LEU A 540 26.11 -2.69 7.41
C LEU A 540 26.48 -1.50 6.53
N ASP A 541 25.74 -0.39 6.69
CA ASP A 541 25.97 0.77 5.84
C ASP A 541 27.38 1.33 5.97
N PRO A 542 27.85 1.75 7.16
CA PRO A 542 29.24 2.24 7.24
C PRO A 542 30.26 1.13 7.10
N GLU A 543 30.11 0.06 7.88
CA GLU A 543 31.05 -1.06 7.89
C GLU A 543 30.57 -2.14 6.91
N LYS A 544 30.75 -1.84 5.63
CA LYS A 544 30.26 -2.69 4.56
C LYS A 544 31.41 -3.47 3.92
N SER A 545 31.21 -4.78 3.75
CA SER A 545 32.06 -5.53 2.83
C SER A 545 31.91 -5.00 1.41
N THR A 546 30.83 -4.26 1.13
CA THR A 546 30.71 -3.27 0.07
C THR A 546 31.07 -3.84 -1.32
N LYS A 547 30.22 -4.76 -1.77
CA LYS A 547 30.12 -4.95 -3.20
C LYS A 547 29.75 -3.58 -3.77
N ARG A 548 28.51 -3.15 -3.51
CA ARG A 548 28.14 -1.75 -3.45
C ARG A 548 26.79 -1.61 -2.76
N LEU A 549 26.76 -0.97 -1.58
CA LEU A 549 25.51 -0.85 -0.82
C LEU A 549 24.73 0.36 -1.32
N VAL A 550 23.52 0.11 -1.82
CA VAL A 550 22.61 1.13 -2.30
C VAL A 550 21.29 0.98 -1.56
N ARG A 551 20.58 2.09 -1.42
CA ARG A 551 19.34 2.09 -0.64
C ARG A 551 18.27 1.25 -1.35
N ARG A 552 17.13 1.09 -0.68
CA ARG A 552 16.05 0.27 -1.20
C ARG A 552 15.10 1.05 -2.09
N ASN A 553 14.85 2.32 -1.77
CA ASN A 553 13.97 3.13 -2.60
C ASN A 553 14.56 3.39 -3.97
N VAL A 554 15.89 3.42 -4.08
CA VAL A 554 16.54 3.63 -5.37
C VAL A 554 16.52 2.34 -6.19
N VAL A 555 16.83 1.20 -5.56
CA VAL A 555 16.92 -0.04 -6.32
C VAL A 555 15.53 -0.52 -6.74
N TYR A 556 14.50 -0.15 -5.99
CA TYR A 556 13.13 -0.45 -6.40
C TYR A 556 12.75 0.35 -7.64
N ARG A 557 13.21 1.59 -7.75
CA ARG A 557 12.86 2.41 -8.90
C ARG A 557 13.40 1.81 -10.20
N LYS A 558 14.56 1.16 -10.13
CA LYS A 558 15.10 0.54 -11.34
C LYS A 558 14.19 -0.58 -11.84
N VAL A 559 13.68 -1.41 -10.93
CA VAL A 559 12.75 -2.47 -11.33
C VAL A 559 11.43 -1.88 -11.78
N TRP A 560 10.94 -0.86 -11.07
CA TRP A 560 9.65 -0.28 -11.41
C TRP A 560 9.66 0.39 -12.78
N LEU A 561 10.77 1.06 -13.13
CA LEU A 561 10.82 1.75 -14.42
C LEU A 561 10.86 0.77 -15.58
N LEU A 562 11.56 -0.37 -15.40
CA LEU A 562 11.59 -1.36 -16.46
C LEU A 562 10.22 -1.96 -16.71
N MET A 563 9.48 -2.23 -15.63
CA MET A 563 8.10 -2.68 -15.78
C MET A 563 7.23 -1.59 -16.39
N GLN A 564 7.50 -0.33 -16.05
CA GLN A 564 6.75 0.79 -16.64
C GLN A 564 6.98 0.87 -18.14
N LEU A 565 8.24 0.77 -18.56
CA LEU A 565 8.56 0.87 -19.98
C LEU A 565 8.08 -0.34 -20.78
N GLY A 566 7.82 -1.46 -20.12
CA GLY A 566 7.39 -2.66 -20.80
C GLY A 566 8.47 -3.71 -21.02
N CYS A 567 9.55 -3.68 -20.24
CA CYS A 567 10.61 -4.65 -20.39
C CYS A 567 10.14 -6.05 -20.01
N VAL A 568 10.77 -7.05 -20.62
CA VAL A 568 10.44 -8.45 -20.39
C VAL A 568 11.52 -9.04 -19.49
N PHE A 569 11.11 -9.55 -18.33
CA PHE A 569 12.01 -10.12 -17.34
C PHE A 569 12.10 -11.63 -17.51
N VAL A 570 13.33 -12.16 -17.52
CA VAL A 570 13.56 -13.59 -17.56
C VAL A 570 14.36 -13.98 -16.32
N GLY A 571 14.16 -15.22 -15.88
CA GLY A 571 14.83 -15.70 -14.69
C GLY A 571 14.21 -17.00 -14.21
N HIS A 572 14.70 -17.45 -13.06
CA HIS A 572 14.27 -18.72 -12.45
C HIS A 572 13.54 -18.40 -11.15
N GLY A 573 12.22 -18.61 -11.14
CA GLY A 573 11.42 -18.30 -9.98
C GLY A 573 11.23 -16.81 -9.80
N LEU A 574 10.53 -16.17 -10.74
CA LEU A 574 10.30 -14.73 -10.67
C LEU A 574 9.06 -14.36 -9.88
N ASN A 575 8.13 -15.29 -9.70
CA ASN A 575 6.91 -14.99 -8.95
C ASN A 575 7.20 -14.77 -7.48
N ASN A 576 7.97 -15.68 -6.87
CA ASN A 576 8.34 -15.51 -5.47
C ASN A 576 9.45 -14.48 -5.29
N ASP A 577 10.16 -14.10 -6.36
CA ASP A 577 11.12 -13.01 -6.26
C ASP A 577 10.42 -11.67 -6.19
N PHE A 578 9.48 -11.43 -7.10
CA PHE A 578 8.74 -10.17 -7.11
C PHE A 578 7.88 -10.00 -5.87
N LYS A 579 7.43 -11.10 -5.27
CA LYS A 579 6.65 -11.00 -4.03
C LYS A 579 7.49 -10.39 -2.91
N HIS A 580 8.74 -10.83 -2.76
CA HIS A 580 9.61 -10.25 -1.75
C HIS A 580 10.13 -8.88 -2.17
N ILE A 581 10.24 -8.65 -3.48
CA ILE A 581 10.56 -7.32 -3.99
C ILE A 581 9.36 -6.39 -3.80
N ASN A 582 8.17 -6.94 -3.62
CA ASN A 582 6.92 -6.20 -3.45
C ASN A 582 6.57 -5.41 -4.72
N ILE A 583 6.49 -6.13 -5.84
CA ILE A 583 6.07 -5.56 -7.11
C ILE A 583 5.30 -6.64 -7.87
N ASN A 584 4.35 -6.20 -8.70
CA ASN A 584 3.55 -7.10 -9.54
C ASN A 584 3.83 -6.78 -11.00
N VAL A 585 4.39 -7.75 -11.71
CA VAL A 585 4.74 -7.62 -13.11
C VAL A 585 3.79 -8.49 -13.92
N PRO A 586 3.23 -8.01 -15.02
CA PRO A 586 2.24 -8.82 -15.76
C PRO A 586 2.84 -10.06 -16.40
N ARG A 587 1.99 -10.86 -17.06
CA ARG A 587 2.44 -12.13 -17.59
C ARG A 587 3.31 -11.94 -18.83
N ASN A 588 2.93 -11.00 -19.69
CA ASN A 588 3.68 -10.76 -20.93
C ASN A 588 5.09 -10.23 -20.69
N GLN A 589 5.42 -9.86 -19.45
CA GLN A 589 6.74 -9.34 -19.13
C GLN A 589 7.53 -10.29 -18.24
N ILE A 590 7.06 -11.53 -18.06
CA ILE A 590 7.74 -12.51 -17.21
C ILE A 590 7.95 -13.77 -18.04
N ARG A 591 9.20 -14.19 -18.17
CA ARG A 591 9.58 -15.44 -18.82
C ARG A 591 10.32 -16.27 -17.77
N ASP A 592 9.56 -17.05 -17.00
CA ASP A 592 10.13 -17.85 -15.93
C ASP A 592 10.49 -19.23 -16.48
N THR A 593 11.78 -19.58 -16.41
CA THR A 593 12.24 -20.86 -16.91
C THR A 593 11.68 -22.03 -16.10
N ALA A 594 11.24 -21.79 -14.86
CA ALA A 594 10.64 -22.85 -14.07
C ALA A 594 9.30 -23.29 -14.65
N ILE A 595 8.55 -22.36 -15.23
CA ILE A 595 7.26 -22.72 -15.82
C ILE A 595 7.44 -23.39 -17.18
N TYR A 596 8.52 -23.07 -17.89
CA TYR A 596 8.81 -23.71 -19.18
C TYR A 596 9.32 -25.14 -18.98
N PHE A 597 10.41 -25.30 -18.24
CA PHE A 597 10.96 -26.61 -17.91
C PHE A 597 10.22 -27.21 -16.71
N LEU A 598 8.91 -27.36 -16.89
CA LEU A 598 8.01 -27.79 -15.82
C LEU A 598 7.54 -29.21 -16.07
N GLN A 599 7.59 -30.04 -15.03
CA GLN A 599 7.16 -31.44 -15.09
C GLN A 599 6.20 -31.68 -13.91
N GLY A 600 4.93 -31.31 -14.11
CA GLY A 600 3.96 -31.38 -13.04
C GLY A 600 4.40 -30.61 -11.80
N LYS A 601 4.68 -31.33 -10.72
CA LYS A 601 5.23 -30.75 -9.51
C LYS A 601 6.76 -30.85 -9.54
N ARG A 602 7.41 -30.61 -8.41
CA ARG A 602 8.85 -30.80 -8.25
C ARG A 602 9.63 -29.94 -9.25
N TYR A 603 9.52 -28.62 -9.05
CA TYR A 603 10.26 -27.66 -9.87
C TYR A 603 11.73 -28.04 -9.94
N LEU A 604 12.27 -28.08 -11.17
CA LEU A 604 13.64 -28.51 -11.37
C LEU A 604 14.61 -27.48 -10.83
N SER A 605 15.69 -27.96 -10.22
CA SER A 605 16.70 -27.10 -9.62
C SER A 605 17.47 -26.35 -10.71
N LEU A 606 17.86 -25.10 -10.39
CA LEU A 606 18.65 -24.32 -11.34
C LEU A 606 20.03 -24.95 -11.54
N ARG A 607 20.62 -25.49 -10.47
CA ARG A 607 21.88 -26.21 -10.62
C ARG A 607 21.71 -27.48 -11.43
N TYR A 608 20.51 -28.07 -11.42
CA TYR A 608 20.29 -29.30 -12.17
C TYR A 608 20.04 -29.01 -13.65
N LEU A 609 19.18 -28.03 -13.96
CA LEU A 609 18.96 -27.66 -15.35
C LEU A 609 20.23 -27.16 -16.01
N ALA A 610 21.09 -26.47 -15.25
CA ALA A 610 22.37 -26.03 -15.77
C ALA A 610 23.37 -27.16 -15.92
N TYR A 611 23.02 -28.39 -15.53
CA TYR A 611 23.88 -29.55 -15.68
C TYR A 611 23.38 -30.55 -16.71
N VAL A 612 22.07 -30.84 -16.72
CA VAL A 612 21.52 -31.81 -17.66
C VAL A 612 21.19 -31.20 -19.02
N LEU A 613 20.99 -29.88 -19.09
CA LEU A 613 20.75 -29.20 -20.36
C LEU A 613 21.95 -28.40 -20.85
N LEU A 614 22.82 -27.98 -19.94
CA LEU A 614 24.03 -27.23 -20.28
C LEU A 614 25.22 -27.88 -19.62
N GLY A 615 26.41 -27.56 -20.11
CA GLY A 615 27.63 -28.09 -19.52
C GLY A 615 28.23 -27.17 -18.47
N MET A 616 27.47 -26.89 -17.41
CA MET A 616 27.90 -25.97 -16.37
C MET A 616 27.80 -26.64 -15.01
N ASN A 617 28.89 -26.63 -14.26
CA ASN A 617 28.92 -27.10 -12.87
C ASN A 617 28.94 -25.85 -11.99
N ILE A 618 27.74 -25.39 -11.63
CA ILE A 618 27.57 -24.11 -10.95
C ILE A 618 26.76 -24.32 -9.67
N GLN A 619 26.46 -23.21 -9.00
CA GLN A 619 25.68 -23.21 -7.76
C GLN A 619 26.35 -24.05 -6.68
N GLU A 620 27.66 -23.84 -6.52
CA GLU A 620 28.44 -24.49 -5.49
C GLU A 620 29.15 -23.43 -4.65
N GLY A 621 29.40 -23.77 -3.38
CA GLY A 621 29.97 -22.82 -2.45
C GLY A 621 28.95 -21.81 -1.99
N ASN A 622 29.08 -20.57 -2.44
CA ASN A 622 28.11 -19.52 -2.17
C ASN A 622 27.42 -19.12 -3.45
N HIS A 623 26.10 -18.99 -3.41
CA HIS A 623 25.34 -18.57 -4.58
C HIS A 623 25.68 -17.13 -4.94
N ASP A 624 25.36 -16.77 -6.18
CA ASP A 624 25.60 -15.42 -6.66
C ASP A 624 24.53 -15.08 -7.69
N SER A 625 23.79 -13.99 -7.46
CA SER A 625 22.70 -13.64 -8.36
C SER A 625 23.20 -13.34 -9.76
N ILE A 626 24.42 -12.82 -9.88
CA ILE A 626 25.00 -12.57 -11.21
C ILE A 626 25.19 -13.89 -11.95
N GLU A 627 25.60 -14.94 -11.25
CA GLU A 627 25.74 -16.25 -11.87
C GLU A 627 24.38 -16.90 -12.11
N ASP A 628 23.43 -16.71 -11.20
CA ASP A 628 22.11 -17.34 -11.35
C ASP A 628 21.28 -16.65 -12.43
N ALA A 629 21.44 -15.33 -12.57
CA ALA A 629 20.71 -14.62 -13.62
C ALA A 629 21.32 -14.84 -15.00
N HIS A 630 22.63 -15.03 -15.06
CA HIS A 630 23.28 -15.28 -16.35
C HIS A 630 22.90 -16.65 -16.88
N THR A 631 22.90 -17.68 -16.02
CA THR A 631 22.52 -19.01 -16.46
C THR A 631 21.03 -19.11 -16.72
N ALA A 632 20.22 -18.27 -16.06
CA ALA A 632 18.80 -18.22 -16.36
C ALA A 632 18.53 -17.59 -17.72
N LEU A 633 19.47 -16.80 -18.24
CA LEU A 633 19.28 -16.17 -19.54
C LEU A 633 19.61 -17.13 -20.67
N ILE A 634 20.70 -17.89 -20.53
CA ILE A 634 21.05 -18.85 -21.58
C ILE A 634 20.12 -20.06 -21.54
N LEU A 635 19.56 -20.37 -20.37
CA LEU A 635 18.56 -21.43 -20.28
C LEU A 635 17.31 -21.06 -21.06
N TYR A 636 16.88 -19.79 -20.95
CA TYR A 636 15.78 -19.32 -21.79
C TYR A 636 16.17 -19.30 -23.26
N LYS A 637 17.46 -19.07 -23.55
CA LYS A 637 17.92 -19.11 -24.93
C LYS A 637 17.97 -20.55 -25.45
N LYS A 638 18.37 -21.49 -24.60
CA LYS A 638 18.32 -22.90 -24.98
C LYS A 638 16.89 -23.40 -25.10
N TYR A 639 15.97 -22.79 -24.34
CA TYR A 639 14.56 -23.11 -24.48
C TYR A 639 14.02 -22.64 -25.83
N LEU A 640 14.50 -21.49 -26.30
CA LEU A 640 14.09 -21.00 -27.62
C LEU A 640 14.68 -21.86 -28.73
N HIS A 641 15.88 -22.41 -28.53
CA HIS A 641 16.46 -23.33 -29.50
C HIS A 641 15.59 -24.59 -29.63
N LEU A 642 15.29 -25.23 -28.51
CA LEU A 642 14.45 -26.42 -28.50
C LEU A 642 13.00 -26.15 -28.88
N LYS A 643 12.59 -24.88 -28.93
CA LYS A 643 11.23 -24.55 -29.33
C LYS A 643 11.10 -24.29 -30.83
N GLU A 644 12.14 -23.70 -31.44
CA GLU A 644 12.10 -23.44 -32.88
C GLU A 644 11.98 -24.74 -33.67
N LYS A 645 12.74 -25.76 -33.27
CA LYS A 645 12.58 -27.09 -33.83
C LYS A 645 11.62 -27.89 -32.97
N ALA A 646 10.96 -28.87 -33.59
CA ALA A 646 9.92 -29.65 -32.92
C ALA A 646 10.52 -30.68 -31.96
N ILE A 647 11.27 -30.18 -30.98
CA ILE A 647 11.91 -31.02 -29.97
C ILE A 647 11.51 -30.51 -28.60
N PHE A 648 10.38 -29.80 -28.53
CA PHE A 648 9.95 -29.20 -27.27
C PHE A 648 9.64 -30.25 -26.21
N GLU A 649 9.28 -31.47 -26.62
CA GLU A 649 8.94 -32.54 -25.70
C GLU A 649 10.06 -33.56 -25.54
N LYS A 650 10.75 -33.91 -26.62
CA LYS A 650 11.75 -34.97 -26.56
C LYS A 650 12.82 -34.66 -25.54
N VAL A 651 13.37 -33.44 -25.58
CA VAL A 651 14.37 -33.07 -24.57
C VAL A 651 13.72 -32.91 -23.21
N LEU A 652 12.44 -32.55 -23.17
CA LEU A 652 11.77 -32.30 -21.91
C LEU A 652 11.23 -33.58 -21.28
N ASN A 653 10.67 -34.49 -22.09
CA ASN A 653 10.21 -35.77 -21.54
C ASN A 653 11.37 -36.66 -21.14
N SER A 654 12.54 -36.49 -21.76
CA SER A 654 13.69 -37.33 -21.41
C SER A 654 14.30 -36.90 -20.08
N VAL A 655 14.12 -35.64 -19.68
CA VAL A 655 14.71 -35.20 -18.43
C VAL A 655 13.93 -35.73 -17.23
N TYR A 656 12.71 -36.24 -17.44
CA TYR A 656 12.02 -36.98 -16.39
C TYR A 656 12.80 -38.22 -15.99
N GLU A 657 13.03 -39.11 -16.96
CA GLU A 657 13.62 -40.41 -16.68
C GLU A 657 15.08 -40.30 -16.29
N GLU A 658 15.81 -39.33 -16.85
CA GLU A 658 17.21 -39.16 -16.51
C GLU A 658 17.40 -38.64 -15.09
N GLY A 659 16.37 -38.01 -14.51
CA GLY A 659 16.47 -37.52 -13.15
C GLY A 659 16.31 -38.61 -12.10
N ARG A 660 15.61 -39.69 -12.43
CA ARG A 660 15.43 -40.77 -11.46
C ARG A 660 16.74 -41.48 -11.17
N ALA A 661 17.52 -41.78 -12.22
CA ALA A 661 18.75 -42.54 -12.05
C ALA A 661 19.78 -41.75 -11.25
N HIS A 662 19.73 -40.43 -11.30
CA HIS A 662 20.65 -39.58 -10.56
C HIS A 662 20.07 -39.04 -9.27
N ASN A 663 18.79 -39.33 -8.99
CA ASN A 663 18.09 -38.83 -7.80
C ASN A 663 18.11 -37.31 -7.73
N PHE A 664 18.19 -36.66 -8.90
CA PHE A 664 18.17 -35.19 -9.01
C PHE A 664 19.33 -34.56 -8.24
N LYS A 665 20.50 -35.18 -8.33
CA LYS A 665 21.70 -34.67 -7.66
C LYS A 665 22.91 -35.39 -8.22
N VAL A 666 24.01 -34.65 -8.38
CA VAL A 666 25.25 -35.21 -8.92
C VAL A 666 26.40 -34.26 -8.59
N PRO A 667 27.62 -34.77 -8.33
CA PRO A 667 28.77 -33.88 -8.13
C PRO A 667 29.37 -33.39 -9.44
#